data_5H3X
#
_entry.id   5H3X
#
_cell.length_a   70.555
_cell.length_b   70.555
_cell.length_c   110.183
_cell.angle_alpha   90.00
_cell.angle_beta   90.00
_cell.angle_gamma   90.00
#
_symmetry.space_group_name_H-M   'P 41 21 2'
#
loop_
_entity.id
_entity.type
_entity.pdbx_description
1 polymer 'Fibronectin/fibrinogen binding protein'
2 water water
#
_entity_poly.entity_id   1
_entity_poly.type   'polypeptide(L)'
_entity_poly.pdbx_seq_one_letter_code
;SFDGFFLHHMTAELRANLEGGRIQKINQPFEQEIVLNIRSNRQSHKLLLSAHSVFGRVQLTQSDFTNPKVPNTFTMILRK
YLQGAIIEEIRQLDNDRILEFSVSNKDEIGDHIQATLIVEIMGKHSNIILVDKSEQKIIEAIKHVGFSQNSYRTILPGST
YIRPPETHSLNPYTVSDEKLFEILSTQELSPKNLQQVFQGLGRDTASELANHLQIDRLKNFRAFFDQATQPSLTDKSYAA
LPFANSPENQPHFESLSSLLDFYYQDK
;
_entity_poly.pdbx_strand_id   A
#
# COMPACT_ATOMS: atom_id res chain seq x y z
N SER A 1 -12.92 -0.62 1.64
CA SER A 1 -11.99 -1.73 1.83
C SER A 1 -10.56 -1.27 1.56
N PHE A 2 -9.58 -2.07 1.98
CA PHE A 2 -8.20 -1.75 1.67
C PHE A 2 -7.86 -2.24 0.26
N ASP A 3 -8.56 -1.70 -0.73
CA ASP A 3 -8.27 -2.04 -2.12
C ASP A 3 -7.20 -1.11 -2.68
N GLY A 4 -6.95 -1.25 -3.98
CA GLY A 4 -5.99 -0.41 -4.67
C GLY A 4 -6.39 1.06 -4.62
N PHE A 5 -7.68 1.33 -4.84
CA PHE A 5 -8.22 2.70 -4.78
C PHE A 5 -7.91 3.33 -3.44
N PHE A 6 -8.21 2.62 -2.37
CA PHE A 6 -7.88 3.10 -1.02
C PHE A 6 -6.38 3.30 -0.87
N LEU A 7 -5.59 2.43 -1.50
CA LEU A 7 -4.14 2.53 -1.38
C LEU A 7 -3.64 3.80 -2.08
N HIS A 8 -4.29 4.17 -3.17
CA HIS A 8 -3.98 5.43 -3.84
C HIS A 8 -4.07 6.58 -2.85
N HIS A 9 -5.16 6.63 -2.09
CA HIS A 9 -5.35 7.72 -1.12
C HIS A 9 -4.34 7.62 0.04
N MET A 10 -4.14 6.42 0.54
CA MET A 10 -3.19 6.22 1.63
C MET A 10 -1.76 6.52 1.24
N THR A 11 -1.40 6.16 0.01
CA THR A 11 -0.06 6.44 -0.50
C THR A 11 0.18 7.94 -0.45
N ALA A 12 -0.79 8.69 -0.96
CA ALA A 12 -0.72 10.15 -0.98
C ALA A 12 -0.45 10.66 0.43
N GLU A 13 -1.25 10.19 1.38
CA GLU A 13 -1.12 10.63 2.77
C GLU A 13 0.27 10.30 3.31
N LEU A 14 0.73 9.08 3.04
CA LEU A 14 2.02 8.62 3.53
C LEU A 14 3.17 9.48 2.98
N ARG A 15 3.08 9.82 1.69
CA ARG A 15 4.10 10.66 1.06
C ARG A 15 4.15 12.04 1.67
N ALA A 16 2.99 12.66 1.86
CA ALA A 16 2.93 14.01 2.40
C ALA A 16 3.67 14.09 3.73
N ASN A 17 3.63 13.00 4.49
CA ASN A 17 4.27 12.97 5.81
C ASN A 17 5.69 12.42 5.85
N LEU A 18 6.02 11.51 4.93
CA LEU A 18 7.22 10.69 5.06
C LEU A 18 8.26 10.89 3.96
N GLU A 19 7.87 11.44 2.82
CA GLU A 19 8.83 11.56 1.73
C GLU A 19 9.87 12.61 2.11
N GLY A 20 11.15 12.20 2.07
CA GLY A 20 12.22 13.06 2.51
C GLY A 20 12.57 12.78 3.96
N GLY A 21 11.78 11.92 4.60
CA GLY A 21 11.98 11.60 6.00
C GLY A 21 13.17 10.70 6.25
N ARG A 22 13.56 10.57 7.49
CA ARG A 22 14.67 9.76 7.88
C ARG A 22 14.29 8.65 8.83
N ILE A 23 14.63 7.44 8.47
CA ILE A 23 14.30 6.27 9.28
C ILE A 23 15.18 6.21 10.52
N GLN A 24 14.58 6.37 11.69
CA GLN A 24 15.34 6.40 12.93
C GLN A 24 15.49 5.01 13.50
N LYS A 25 14.46 4.22 13.42
CA LYS A 25 14.42 2.93 14.05
C LYS A 25 13.57 1.97 13.30
N ILE A 26 13.93 0.71 13.40
CA ILE A 26 13.17 -0.35 12.77
C ILE A 26 12.90 -1.47 13.76
N ASN A 27 11.63 -1.84 13.89
CA ASN A 27 11.24 -2.91 14.81
C ASN A 27 10.17 -3.83 14.24
N GLN A 28 10.11 -5.04 14.78
CA GLN A 28 9.15 -6.04 14.30
C GLN A 28 8.33 -6.54 15.47
N PRO A 29 7.47 -5.68 16.03
CA PRO A 29 6.82 -5.95 17.32
C PRO A 29 5.90 -7.16 17.24
N PHE A 30 5.43 -7.48 16.04
CA PHE A 30 4.67 -8.71 15.84
C PHE A 30 5.12 -9.49 14.61
N GLU A 31 4.60 -10.71 14.53
CA GLU A 31 5.08 -11.73 13.62
C GLU A 31 5.20 -11.23 12.18
N GLN A 32 4.16 -10.65 11.63
CA GLN A 32 4.20 -10.21 10.26
C GLN A 32 4.15 -8.70 10.11
N GLU A 33 4.48 -8.00 11.18
CA GLU A 33 4.36 -6.55 11.19
C GLU A 33 5.71 -5.89 11.50
N ILE A 34 5.98 -4.80 10.79
CA ILE A 34 7.19 -4.03 10.99
C ILE A 34 6.83 -2.57 11.23
N VAL A 35 7.49 -1.94 12.19
CA VAL A 35 7.25 -0.54 12.47
C VAL A 35 8.53 0.27 12.34
N LEU A 36 8.46 1.36 11.57
CA LEU A 36 9.60 2.24 11.38
C LEU A 36 9.33 3.57 12.02
N ASN A 37 10.16 3.94 12.99
CA ASN A 37 10.09 5.28 13.54
C ASN A 37 10.76 6.24 12.56
N ILE A 38 10.04 7.27 12.15
CA ILE A 38 10.52 8.15 11.09
C ILE A 38 10.47 9.63 11.50
N ARG A 39 11.52 10.36 11.21
CA ARG A 39 11.56 11.77 11.43
C ARG A 39 11.44 12.51 10.13
N SER A 40 10.43 13.32 9.99
CA SER A 40 10.20 14.07 8.76
C SER A 40 9.37 15.31 9.02
N ASN A 41 9.75 16.42 8.38
CA ASN A 41 9.01 17.65 8.51
C ASN A 41 8.98 18.10 9.97
N ARG A 42 10.06 17.83 10.68
CA ARG A 42 10.16 18.16 12.11
C ARG A 42 9.06 17.50 12.94
N GLN A 43 8.49 16.43 12.41
CA GLN A 43 7.61 15.55 13.19
C GLN A 43 8.20 14.15 13.20
N SER A 44 7.84 13.42 14.23
CA SER A 44 8.22 12.04 14.41
C SER A 44 7.06 11.12 14.12
N HIS A 45 7.21 10.18 13.18
CA HIS A 45 6.07 9.40 12.71
C HIS A 45 6.31 7.92 12.94
N LYS A 46 5.23 7.18 13.13
CA LYS A 46 5.29 5.71 13.26
C LYS A 46 4.57 5.09 12.07
N LEU A 47 5.33 4.39 11.22
CA LEU A 47 4.77 3.76 10.03
C LEU A 47 4.60 2.25 10.20
N LEU A 48 3.36 1.78 10.08
CA LEU A 48 3.03 0.37 10.21
C LEU A 48 2.98 -0.32 8.86
N LEU A 49 3.74 -1.40 8.71
CA LEU A 49 3.66 -2.25 7.53
C LEU A 49 3.24 -3.65 7.95
N SER A 50 2.05 -4.07 7.55
CA SER A 50 1.58 -5.38 7.95
C SER A 50 1.31 -6.28 6.75
N ALA A 51 1.97 -7.43 6.74
CA ALA A 51 1.67 -8.46 5.77
C ALA A 51 0.80 -9.55 6.42
N HIS A 52 0.09 -9.18 7.48
CA HIS A 52 -0.84 -10.11 8.14
C HIS A 52 -1.86 -10.63 7.14
N SER A 53 -2.08 -11.95 7.12
CA SER A 53 -2.91 -12.50 6.05
C SER A 53 -4.35 -12.00 6.11
N VAL A 54 -4.79 -11.54 7.28
CA VAL A 54 -6.16 -11.01 7.37
C VAL A 54 -6.21 -9.50 7.54
N PHE A 55 -5.29 -8.93 8.32
CA PHE A 55 -5.35 -7.50 8.60
C PHE A 55 -4.26 -6.71 7.88
N GLY A 56 -3.66 -7.33 6.87
CA GLY A 56 -2.59 -6.71 6.11
C GLY A 56 -2.95 -5.30 5.68
N ARG A 57 -2.00 -4.37 5.85
CA ARG A 57 -2.27 -2.95 5.64
C ARG A 57 -1.01 -2.09 5.86
N VAL A 58 -1.09 -0.84 5.41
CA VAL A 58 -0.05 0.15 5.72
C VAL A 58 -0.72 1.42 6.20
N GLN A 59 -0.09 2.06 7.17
CA GLN A 59 -0.66 3.25 7.79
C GLN A 59 0.35 3.86 8.76
N LEU A 60 0.24 5.17 8.99
CA LEU A 60 0.85 5.76 10.18
C LEU A 60 0.00 5.35 11.37
N THR A 61 0.58 5.39 12.56
CA THR A 61 -0.18 5.01 13.74
C THR A 61 0.28 5.83 14.93
N GLN A 62 -0.63 6.02 15.88
CA GLN A 62 -0.31 6.72 17.13
C GLN A 62 -0.02 5.68 18.18
N SER A 63 -0.21 4.42 17.81
CA SER A 63 -0.09 3.29 18.74
C SER A 63 1.33 3.09 19.25
N ASP A 64 1.45 2.69 20.51
CA ASP A 64 2.74 2.37 21.09
C ASP A 64 3.02 0.87 20.96
N PHE A 65 4.28 0.49 20.88
CA PHE A 65 4.65 -0.91 20.70
C PHE A 65 5.74 -1.37 21.65
N THR A 66 5.61 -2.61 22.12
CA THR A 66 6.62 -3.20 22.98
C THR A 66 7.56 -4.08 22.15
N ASN A 67 8.75 -3.58 21.91
CA ASN A 67 9.69 -4.26 21.06
C ASN A 67 10.41 -5.34 21.80
N PRO A 68 10.50 -6.47 21.12
CA PRO A 68 11.37 -7.56 21.45
C PRO A 68 12.80 -7.24 21.67
N LYS A 69 13.24 -8.01 22.62
CA LYS A 69 14.54 -8.01 23.19
C LYS A 69 15.62 -8.30 22.19
N VAL A 70 15.39 -9.35 21.44
CA VAL A 70 16.39 -10.02 20.68
C VAL A 70 15.84 -9.99 19.30
N PRO A 71 16.54 -9.26 18.46
CA PRO A 71 16.07 -8.89 17.16
C PRO A 71 16.17 -10.02 16.16
N ASN A 72 15.44 -10.03 15.10
CA ASN A 72 15.69 -11.17 14.28
C ASN A 72 16.57 -10.80 13.12
N THR A 73 16.93 -11.78 12.36
CA THR A 73 17.92 -11.63 11.30
C THR A 73 17.33 -10.74 10.20
N PHE A 74 16.04 -10.93 9.94
CA PHE A 74 15.31 -10.08 9.01
C PHE A 74 15.36 -8.61 9.43
N THR A 75 15.03 -8.35 10.70
CA THR A 75 15.11 -6.99 11.22
C THR A 75 16.54 -6.49 11.07
N MET A 76 17.50 -7.30 11.49
CA MET A 76 18.86 -6.89 11.46
C MET A 76 19.29 -6.46 10.08
N ILE A 77 18.99 -7.25 9.08
CA ILE A 77 19.36 -6.81 7.78
C ILE A 77 18.59 -5.59 7.29
N LEU A 78 17.32 -5.46 7.65
CA LEU A 78 16.56 -4.25 7.35
C LEU A 78 17.20 -3.02 8.01
N ARG A 79 17.51 -3.13 9.29
CA ARG A 79 18.12 -2.03 10.02
C ARG A 79 19.41 -1.60 9.31
N LYS A 80 20.23 -2.57 8.99
CA LYS A 80 21.47 -2.31 8.33
C LYS A 80 21.32 -1.57 7.02
N TYR A 81 20.19 -1.72 6.36
CA TYR A 81 19.95 -0.98 5.11
C TYR A 81 19.13 0.30 5.28
N LEU A 82 18.27 0.33 6.30
CA LEU A 82 17.29 1.40 6.43
C LEU A 82 17.57 2.36 7.58
N GLN A 83 18.37 1.95 8.55
CA GLN A 83 18.57 2.83 9.70
C GLN A 83 19.38 4.05 9.30
N GLY A 84 18.81 5.23 9.55
CA GLY A 84 19.42 6.47 9.09
C GLY A 84 19.10 6.75 7.63
N ALA A 85 18.61 5.75 6.92
CA ALA A 85 18.32 5.94 5.50
C ALA A 85 17.26 7.04 5.28
N ILE A 86 17.30 7.66 4.10
CA ILE A 86 16.31 8.68 3.76
C ILE A 86 15.29 8.09 2.81
N ILE A 87 14.01 8.36 3.06
CA ILE A 87 12.95 7.90 2.18
C ILE A 87 12.78 8.86 1.01
N GLU A 88 13.38 8.54 -0.10
CA GLU A 88 13.37 9.38 -1.26
C GLU A 88 12.07 9.33 -2.02
N GLU A 89 11.47 8.15 -2.08
CA GLU A 89 10.26 7.95 -2.87
C GLU A 89 9.39 6.85 -2.32
N ILE A 90 8.09 7.15 -2.27
CA ILE A 90 7.09 6.15 -1.99
C ILE A 90 6.21 6.04 -3.22
N ARG A 91 6.04 4.82 -3.72
CA ARG A 91 5.36 4.60 -4.99
C ARG A 91 4.47 3.36 -4.93
N GLN A 92 3.23 3.54 -5.31
CA GLN A 92 2.31 2.46 -5.50
C GLN A 92 2.56 1.86 -6.87
N LEU A 93 2.46 0.56 -7.00
CA LEU A 93 2.59 -0.09 -8.29
C LEU A 93 1.26 -0.09 -9.00
N ASP A 94 1.15 0.75 -10.00
CA ASP A 94 -0.05 0.89 -10.76
C ASP A 94 -1.20 1.07 -9.80
N ASN A 95 -2.35 0.49 -10.04
CA ASN A 95 -3.35 0.62 -9.03
C ASN A 95 -3.49 -0.63 -8.22
N ASP A 96 -2.40 -1.33 -8.03
CA ASP A 96 -2.44 -2.61 -7.38
C ASP A 96 -2.17 -2.38 -5.89
N ARG A 97 -2.38 -3.41 -5.11
CA ARG A 97 -2.12 -3.34 -3.72
C ARG A 97 -0.69 -3.73 -3.45
N ILE A 98 0.22 -2.91 -3.94
CA ILE A 98 1.67 -3.01 -3.77
C ILE A 98 2.27 -1.60 -3.69
N LEU A 99 3.15 -1.38 -2.71
CA LEU A 99 3.68 -0.08 -2.32
C LEU A 99 5.20 -0.29 -2.22
N GLU A 100 5.99 0.64 -2.74
CA GLU A 100 7.43 0.57 -2.72
C GLU A 100 8.04 1.81 -2.07
N PHE A 101 8.96 1.60 -1.14
CA PHE A 101 9.65 2.68 -0.47
C PHE A 101 11.11 2.71 -0.96
N SER A 102 11.44 3.67 -1.81
CA SER A 102 12.80 3.80 -2.26
C SER A 102 13.61 4.61 -1.26
N VAL A 103 14.57 3.95 -0.62
CA VAL A 103 15.42 4.62 0.35
C VAL A 103 16.84 4.79 -0.19
N SER A 104 17.57 5.77 0.34
CA SER A 104 18.97 5.94 0.02
C SER A 104 19.77 5.96 1.32
N ASN A 105 21.00 5.44 1.28
CA ASN A 105 21.83 5.34 2.45
C ASN A 105 23.29 5.32 2.05
N LYS A 106 24.18 5.31 3.03
CA LYS A 106 25.60 5.19 2.76
C LYS A 106 26.10 3.95 3.50
N ASP A 107 27.03 3.21 2.89
CA ASP A 107 27.67 2.12 3.62
C ASP A 107 28.85 2.65 4.42
N GLU A 108 29.58 1.74 5.06
CA GLU A 108 30.64 2.08 5.99
C GLU A 108 31.73 2.99 5.38
N ILE A 109 31.90 2.92 4.07
CA ILE A 109 32.98 3.68 3.42
C ILE A 109 32.48 4.94 2.69
N GLY A 110 31.17 5.20 2.75
CA GLY A 110 30.63 6.39 2.15
C GLY A 110 29.94 6.16 0.82
N ASP A 111 30.00 4.92 0.32
CA ASP A 111 29.41 4.61 -0.98
C ASP A 111 27.88 4.60 -0.93
N HIS A 112 27.28 5.01 -2.05
CA HIS A 112 25.84 5.18 -2.16
C HIS A 112 25.11 3.85 -2.10
N ILE A 113 24.23 3.69 -1.12
CA ILE A 113 23.42 2.47 -0.98
C ILE A 113 21.97 2.78 -1.34
N GLN A 114 21.43 2.03 -2.29
CA GLN A 114 20.05 2.22 -2.72
C GLN A 114 19.25 0.93 -2.65
N ALA A 115 18.14 0.98 -1.92
CA ALA A 115 17.26 -0.16 -1.78
C ALA A 115 15.81 0.25 -1.98
N THR A 116 14.93 -0.75 -2.09
CA THR A 116 13.52 -0.50 -2.27
C THR A 116 12.75 -1.48 -1.42
N LEU A 117 12.08 -0.96 -0.40
CA LEU A 117 11.25 -1.81 0.45
C LEU A 117 9.88 -2.00 -0.22
N ILE A 118 9.58 -3.26 -0.56
CA ILE A 118 8.33 -3.56 -1.25
C ILE A 118 7.32 -4.23 -0.35
N VAL A 119 6.12 -3.65 -0.29
CA VAL A 119 5.04 -4.24 0.48
C VAL A 119 3.96 -4.72 -0.47
N GLU A 120 3.72 -6.03 -0.45
CA GLU A 120 2.71 -6.65 -1.29
C GLU A 120 1.57 -7.13 -0.42
N ILE A 121 0.41 -6.52 -0.60
CA ILE A 121 -0.76 -6.86 0.18
C ILE A 121 -1.67 -7.74 -0.65
N MET A 122 -1.66 -9.03 -0.34
CA MET A 122 -2.40 -10.02 -1.10
C MET A 122 -2.89 -11.12 -0.16
N GLY A 123 -3.61 -10.74 0.88
CA GLY A 123 -4.14 -11.69 1.84
C GLY A 123 -3.06 -12.64 2.34
N LYS A 124 -3.33 -13.93 2.29
CA LYS A 124 -2.40 -14.91 2.83
C LYS A 124 -1.07 -14.99 2.08
N HIS A 125 -0.99 -14.33 0.92
CA HIS A 125 0.26 -14.27 0.16
C HIS A 125 0.92 -12.91 0.27
N SER A 126 0.65 -12.18 1.34
CA SER A 126 1.25 -10.88 1.56
C SER A 126 2.75 -11.00 1.85
N ASN A 127 3.53 -9.97 1.54
CA ASN A 127 4.97 -10.01 1.84
C ASN A 127 5.60 -8.61 1.98
N ILE A 128 6.74 -8.57 2.67
CA ILE A 128 7.53 -7.36 2.75
C ILE A 128 8.95 -7.69 2.32
N ILE A 129 9.37 -7.07 1.22
CA ILE A 129 10.56 -7.54 0.51
C ILE A 129 11.54 -6.39 0.29
N LEU A 130 12.77 -6.58 0.77
CA LEU A 130 13.81 -5.58 0.55
C LEU A 130 14.59 -5.98 -0.69
N VAL A 131 14.71 -5.05 -1.64
CA VAL A 131 15.29 -5.30 -2.94
C VAL A 131 16.39 -4.29 -3.29
N ASP A 132 17.42 -4.75 -3.99
CA ASP A 132 18.51 -3.87 -4.39
C ASP A 132 18.23 -3.22 -5.73
N LYS A 133 18.33 -1.90 -5.76
CA LYS A 133 18.03 -1.13 -6.96
C LYS A 133 18.87 -1.49 -8.20
N SER A 134 20.19 -1.52 -8.04
CA SER A 134 21.08 -1.71 -9.19
C SER A 134 20.77 -3.00 -9.93
N GLU A 135 21.20 -4.12 -9.37
CA GLU A 135 20.80 -5.42 -9.88
C GLU A 135 19.59 -5.87 -9.07
N GLN A 136 18.41 -5.74 -9.66
CA GLN A 136 17.14 -6.05 -9.02
C GLN A 136 17.15 -7.36 -8.25
N LYS A 137 17.93 -7.42 -7.18
CA LYS A 137 18.08 -8.66 -6.43
C LYS A 137 17.51 -8.50 -5.04
N ILE A 138 16.72 -9.49 -4.62
CA ILE A 138 16.13 -9.51 -3.29
C ILE A 138 17.20 -9.58 -2.21
N ILE A 139 17.17 -8.61 -1.31
CA ILE A 139 18.05 -8.61 -0.15
C ILE A 139 17.51 -9.52 0.96
N GLU A 140 16.27 -9.26 1.36
CA GLU A 140 15.58 -10.03 2.40
C GLU A 140 14.06 -9.97 2.21
N ALA A 141 13.32 -10.82 2.90
CA ALA A 141 11.86 -10.85 2.79
C ALA A 141 11.25 -11.40 4.07
N ILE A 142 10.14 -10.79 4.52
CA ILE A 142 9.52 -11.18 5.78
C ILE A 142 9.01 -12.62 5.71
N LYS A 143 8.82 -13.11 4.50
CA LYS A 143 8.37 -14.45 4.21
C LYS A 143 9.09 -14.97 3.01
N HIS A 144 9.92 -16.00 3.20
CA HIS A 144 10.68 -16.56 2.10
C HIS A 144 9.89 -17.67 1.40
N VAL A 145 9.99 -17.71 0.07
CA VAL A 145 9.22 -18.65 -0.73
C VAL A 145 10.12 -19.26 -1.79
N GLY A 146 10.21 -20.58 -1.79
CA GLY A 146 11.15 -21.33 -2.63
C GLY A 146 10.75 -21.45 -4.10
N PHE A 147 11.67 -22.00 -4.90
CA PHE A 147 11.34 -22.35 -6.27
C PHE A 147 10.54 -23.64 -6.16
N SER A 148 9.50 -23.82 -6.99
CA SER A 148 8.52 -24.87 -6.67
C SER A 148 7.85 -25.61 -7.83
N GLN A 149 8.04 -25.16 -9.06
CA GLN A 149 7.20 -25.69 -10.14
C GLN A 149 5.79 -25.55 -9.59
N ASN A 150 5.18 -24.41 -9.83
CA ASN A 150 4.04 -23.99 -9.03
C ASN A 150 4.05 -22.49 -9.25
N SER A 151 5.25 -21.99 -9.50
CA SER A 151 5.51 -20.56 -9.38
C SER A 151 6.31 -19.95 -10.52
N TYR A 152 6.03 -18.66 -10.73
CA TYR A 152 6.66 -17.82 -11.72
C TYR A 152 7.85 -17.12 -11.08
N ARG A 153 7.92 -17.24 -9.76
CA ARG A 153 8.88 -16.52 -8.96
C ARG A 153 9.38 -17.20 -7.70
N THR A 154 10.57 -16.78 -7.32
CA THR A 154 11.20 -17.25 -6.14
C THR A 154 11.51 -16.08 -5.26
N ILE A 155 11.21 -16.23 -4.00
CA ILE A 155 11.47 -15.18 -3.04
C ILE A 155 12.51 -15.54 -1.98
N LEU A 156 13.75 -15.30 -2.31
CA LEU A 156 14.87 -15.64 -1.46
C LEU A 156 15.98 -14.63 -1.63
N PRO A 157 16.77 -14.41 -0.57
CA PRO A 157 17.97 -13.59 -0.71
C PRO A 157 18.72 -13.98 -1.98
N GLY A 158 19.05 -13.02 -2.83
CA GLY A 158 19.77 -13.34 -4.05
C GLY A 158 18.89 -13.51 -5.26
N SER A 159 17.62 -13.87 -5.04
CA SER A 159 16.70 -14.04 -6.17
C SER A 159 16.46 -12.74 -6.91
N THR A 160 16.18 -12.85 -8.20
CA THR A 160 15.79 -11.71 -9.03
C THR A 160 14.33 -11.33 -8.78
N TYR A 161 14.10 -10.07 -8.50
CA TYR A 161 12.73 -9.69 -8.17
C TYR A 161 11.80 -9.54 -9.38
N ILE A 162 10.74 -10.33 -9.40
CA ILE A 162 9.66 -10.15 -10.36
C ILE A 162 8.38 -9.80 -9.63
N ARG A 163 7.68 -8.80 -10.15
CA ARG A 163 6.47 -8.32 -9.58
C ARG A 163 5.35 -9.30 -9.82
N PRO A 164 4.39 -9.39 -8.91
CA PRO A 164 3.27 -10.32 -9.09
C PRO A 164 2.75 -10.28 -10.52
N PRO A 165 2.19 -11.41 -10.98
CA PRO A 165 1.78 -11.57 -12.39
C PRO A 165 0.84 -10.45 -12.82
N GLU A 166 1.19 -9.80 -13.93
CA GLU A 166 0.38 -8.70 -14.44
C GLU A 166 -1.03 -9.18 -14.81
N THR A 167 -2.00 -8.30 -14.63
CA THR A 167 -3.38 -8.59 -14.98
C THR A 167 -3.73 -7.86 -16.27
N HIS A 168 -4.88 -8.19 -16.83
CA HIS A 168 -5.35 -7.48 -18.02
C HIS A 168 -6.09 -6.19 -17.66
N SER A 169 -6.46 -6.06 -16.39
CA SER A 169 -7.20 -4.90 -15.92
C SER A 169 -6.49 -3.58 -16.22
N LEU A 170 -7.25 -2.50 -16.25
CA LEU A 170 -6.71 -1.18 -16.56
C LEU A 170 -6.64 -0.29 -15.32
N ASN A 171 -5.50 0.36 -15.13
CA ASN A 171 -5.39 1.41 -14.12
C ASN A 171 -6.40 2.51 -14.44
N PRO A 172 -7.38 2.72 -13.55
CA PRO A 172 -8.42 3.70 -13.80
C PRO A 172 -7.90 5.12 -13.65
N TYR A 173 -6.68 5.26 -13.14
CA TYR A 173 -6.08 6.58 -12.99
C TYR A 173 -5.39 7.07 -14.26
N THR A 174 -5.04 6.14 -15.15
CA THR A 174 -4.25 6.47 -16.32
C THR A 174 -4.95 6.11 -17.63
N VAL A 175 -6.22 5.74 -17.54
CA VAL A 175 -6.98 5.35 -18.72
C VAL A 175 -7.28 6.57 -19.60
N SER A 176 -6.91 6.49 -20.88
CA SER A 176 -7.08 7.61 -21.80
C SER A 176 -8.55 7.89 -22.09
N ASP A 177 -8.84 9.12 -22.49
CA ASP A 177 -10.21 9.51 -22.82
C ASP A 177 -10.84 8.55 -23.80
N GLU A 178 -10.13 8.28 -24.89
CA GLU A 178 -10.67 7.45 -25.97
C GLU A 178 -10.95 6.01 -25.52
N LYS A 179 -9.98 5.40 -24.86
CA LYS A 179 -10.17 4.05 -24.35
C LYS A 179 -11.29 4.02 -23.30
N LEU A 180 -11.23 4.94 -22.35
CA LEU A 180 -12.27 5.07 -21.33
C LEU A 180 -13.64 5.34 -21.95
N PHE A 181 -13.68 6.15 -23.00
CA PHE A 181 -14.95 6.41 -23.67
C PHE A 181 -15.59 5.14 -24.21
N GLU A 182 -14.80 4.31 -24.90
CA GLU A 182 -15.39 3.14 -25.54
C GLU A 182 -15.87 2.11 -24.51
N ILE A 183 -15.17 2.03 -23.38
CA ILE A 183 -15.57 1.12 -22.30
C ILE A 183 -16.92 1.52 -21.71
N LEU A 184 -17.01 2.75 -21.22
CA LEU A 184 -18.24 3.24 -20.62
C LEU A 184 -19.31 3.38 -21.68
N SER A 185 -18.91 3.29 -22.94
CA SER A 185 -19.86 3.49 -24.03
C SER A 185 -20.45 2.17 -24.53
N THR A 186 -19.69 1.09 -24.41
CA THR A 186 -20.16 -0.19 -24.94
C THR A 186 -20.20 -1.35 -23.93
N GLN A 187 -19.55 -1.21 -22.79
CA GLN A 187 -19.47 -2.33 -21.85
C GLN A 187 -20.46 -2.25 -20.69
N GLU A 188 -20.76 -3.41 -20.09
CA GLU A 188 -21.66 -3.43 -18.93
C GLU A 188 -20.97 -2.82 -17.73
N LEU A 189 -21.71 -1.99 -17.00
CA LEU A 189 -21.14 -1.18 -15.93
C LEU A 189 -21.61 -1.61 -14.54
N SER A 190 -21.83 -2.91 -14.36
CA SER A 190 -22.22 -3.43 -13.05
C SER A 190 -21.03 -3.39 -12.11
N PRO A 191 -21.29 -3.40 -10.79
CA PRO A 191 -20.18 -3.39 -9.83
C PRO A 191 -19.17 -4.51 -10.13
N LYS A 192 -19.66 -5.69 -10.52
CA LYS A 192 -18.79 -6.83 -10.75
C LYS A 192 -17.90 -6.63 -11.97
N ASN A 193 -18.48 -6.12 -13.04
CA ASN A 193 -17.75 -5.97 -14.30
C ASN A 193 -16.75 -4.80 -14.23
N LEU A 194 -17.10 -3.79 -13.44
CA LEU A 194 -16.19 -2.69 -13.16
C LEU A 194 -14.95 -3.19 -12.41
N GLN A 195 -15.17 -4.08 -11.44
CA GLN A 195 -14.07 -4.74 -10.76
C GLN A 195 -13.15 -5.45 -11.74
N GLN A 196 -13.74 -6.11 -12.74
CA GLN A 196 -12.98 -6.87 -13.73
C GLN A 196 -12.13 -5.98 -14.65
N VAL A 197 -12.75 -4.92 -15.15
CA VAL A 197 -12.14 -4.08 -16.17
C VAL A 197 -11.01 -3.21 -15.61
N PHE A 198 -11.10 -2.88 -14.33
CA PHE A 198 -10.18 -1.92 -13.73
C PHE A 198 -9.38 -2.52 -12.58
N GLN A 199 -8.16 -2.02 -12.40
CA GLN A 199 -7.29 -2.48 -11.31
C GLN A 199 -7.73 -1.87 -10.00
N GLY A 200 -7.54 -2.62 -8.91
CA GLY A 200 -7.58 -2.07 -7.57
C GLY A 200 -8.94 -1.62 -7.06
N LEU A 201 -10.01 -2.08 -7.71
CA LEU A 201 -11.36 -1.77 -7.24
C LEU A 201 -11.95 -2.91 -6.42
N GLY A 202 -12.18 -2.66 -5.13
CA GLY A 202 -12.92 -3.60 -4.31
C GLY A 202 -14.40 -3.56 -4.64
N ARG A 203 -15.15 -4.52 -4.10
CA ARG A 203 -16.58 -4.60 -4.37
C ARG A 203 -17.32 -3.38 -3.83
N ASP A 204 -16.90 -2.89 -2.65
CA ASP A 204 -17.55 -1.71 -2.12
C ASP A 204 -17.30 -0.52 -3.04
N THR A 205 -16.04 -0.31 -3.42
CA THR A 205 -15.67 0.79 -4.31
C THR A 205 -16.40 0.71 -5.65
N ALA A 206 -16.33 -0.45 -6.29
CA ALA A 206 -16.91 -0.60 -7.63
C ALA A 206 -18.41 -0.34 -7.58
N SER A 207 -19.07 -0.75 -6.50
CA SER A 207 -20.48 -0.46 -6.29
C SER A 207 -20.76 1.02 -6.21
N GLU A 208 -19.97 1.70 -5.42
CA GLU A 208 -20.16 3.15 -5.33
C GLU A 208 -19.92 3.79 -6.69
N LEU A 209 -18.85 3.37 -7.36
CA LEU A 209 -18.54 3.83 -8.70
C LEU A 209 -19.75 3.69 -9.64
N ALA A 210 -20.39 2.53 -9.58
CA ALA A 210 -21.48 2.19 -10.50
C ALA A 210 -22.64 3.17 -10.41
N ASN A 211 -23.03 3.50 -9.19
CA ASN A 211 -24.09 4.49 -8.97
C ASN A 211 -23.80 5.84 -9.66
N HIS A 212 -22.58 6.01 -10.15
CA HIS A 212 -22.15 7.29 -10.71
C HIS A 212 -21.95 7.32 -12.22
N LEU A 213 -22.25 6.21 -12.88
CA LEU A 213 -22.03 6.08 -14.32
C LEU A 213 -23.30 5.85 -15.15
N GLN A 214 -24.43 6.41 -14.73
CA GLN A 214 -25.62 6.33 -15.58
C GLN A 214 -25.75 7.47 -16.59
N ILE A 215 -25.17 8.64 -16.30
CA ILE A 215 -25.05 9.69 -17.31
C ILE A 215 -23.71 10.41 -17.23
N ASP A 216 -23.45 11.27 -18.21
CA ASP A 216 -22.21 12.04 -18.26
C ASP A 216 -21.07 11.16 -17.78
N ARG A 217 -20.98 9.96 -18.38
CA ARG A 217 -20.17 8.89 -17.84
C ARG A 217 -18.66 9.18 -17.83
N LEU A 218 -18.15 9.70 -18.94
CA LEU A 218 -16.73 10.02 -19.02
C LEU A 218 -16.33 10.96 -17.88
N LYS A 219 -17.01 12.09 -17.79
CA LYS A 219 -16.65 13.10 -16.80
C LYS A 219 -16.94 12.60 -15.39
N ASN A 220 -18.01 11.85 -15.24
CA ASN A 220 -18.36 11.26 -13.95
C ASN A 220 -17.28 10.29 -13.46
N PHE A 221 -16.77 9.47 -14.36
CA PHE A 221 -15.69 8.54 -14.01
C PHE A 221 -14.52 9.33 -13.44
N ARG A 222 -14.03 10.29 -14.21
CA ARG A 222 -13.00 11.22 -13.78
C ARG A 222 -13.28 11.80 -12.40
N ALA A 223 -14.49 12.25 -12.19
CA ALA A 223 -14.87 12.92 -10.97
C ALA A 223 -14.77 12.05 -9.71
N PHE A 224 -15.15 10.78 -9.85
CA PHE A 224 -15.11 9.86 -8.71
C PHE A 224 -13.69 9.68 -8.21
N PHE A 225 -12.76 9.47 -9.13
CA PHE A 225 -11.36 9.28 -8.77
C PHE A 225 -10.63 10.58 -8.40
N ASP A 226 -11.28 11.73 -8.62
CA ASP A 226 -10.66 13.02 -8.32
C ASP A 226 -11.09 13.55 -6.97
N GLN A 227 -11.97 12.82 -6.29
CA GLN A 227 -12.50 13.27 -5.02
C GLN A 227 -11.41 13.31 -3.96
N ALA A 228 -11.52 14.26 -3.03
CA ALA A 228 -10.56 14.37 -1.96
C ALA A 228 -10.77 13.27 -0.91
N THR A 229 -9.67 12.85 -0.29
CA THR A 229 -9.70 11.82 0.76
C THR A 229 -10.63 12.25 1.87
N GLN A 230 -11.61 11.42 2.17
CA GLN A 230 -12.56 11.71 3.25
C GLN A 230 -12.80 10.43 4.05
N PRO A 231 -11.90 10.14 5.02
CA PRO A 231 -11.88 8.87 5.75
C PRO A 231 -13.21 8.55 6.43
N SER A 232 -13.77 7.37 6.15
CA SER A 232 -15.03 7.00 6.78
C SER A 232 -15.18 5.50 7.03
N LEU A 233 -16.02 5.19 8.00
CA LEU A 233 -16.46 3.84 8.25
C LEU A 233 -17.56 3.56 7.23
N THR A 234 -17.67 2.30 6.80
CA THR A 234 -18.79 1.87 5.99
C THR A 234 -19.60 0.83 6.76
N ASP A 235 -20.46 0.13 6.04
CA ASP A 235 -21.34 -0.88 6.62
C ASP A 235 -20.54 -1.98 7.28
N LYS A 236 -19.63 -2.58 6.53
CA LYS A 236 -18.84 -3.71 7.04
C LYS A 236 -17.35 -3.40 7.15
N SER A 237 -16.98 -2.13 6.98
CA SER A 237 -15.59 -1.83 6.71
C SER A 237 -15.22 -0.35 6.86
N TYR A 238 -14.36 0.11 5.96
CA TYR A 238 -13.93 1.51 5.93
C TYR A 238 -13.51 1.87 4.52
N ALA A 239 -13.43 3.16 4.24
CA ALA A 239 -13.13 3.64 2.90
C ALA A 239 -12.54 5.04 2.95
N ALA A 240 -12.01 5.49 1.81
CA ALA A 240 -11.36 6.80 1.71
C ALA A 240 -12.37 7.86 1.29
N LEU A 241 -13.60 7.40 1.09
CA LEU A 241 -14.75 8.26 0.77
C LEU A 241 -15.97 7.77 1.56
N PRO A 242 -16.97 8.62 1.76
CA PRO A 242 -18.20 8.21 2.44
C PRO A 242 -19.10 7.43 1.48
N PHE A 243 -18.97 6.11 1.44
CA PHE A 243 -19.82 5.31 0.56
C PHE A 243 -21.27 5.28 1.04
N ALA A 244 -22.18 4.90 0.15
CA ALA A 244 -23.59 4.82 0.50
C ALA A 244 -23.83 3.94 1.74
N ASN A 245 -24.78 4.35 2.58
CA ASN A 245 -25.18 3.58 3.76
C ASN A 245 -24.15 3.57 4.89
N SER A 246 -23.10 4.38 4.77
CA SER A 246 -22.14 4.54 5.85
C SER A 246 -22.90 4.89 7.13
N PRO A 247 -22.43 4.36 8.28
CA PRO A 247 -22.96 4.76 9.59
C PRO A 247 -23.14 6.28 9.67
N GLU A 248 -24.11 6.74 10.46
CA GLU A 248 -24.45 8.15 10.49
C GLU A 248 -23.92 8.92 11.71
N ASN A 249 -23.60 8.19 12.78
CA ASN A 249 -23.13 8.83 14.02
C ASN A 249 -21.60 8.94 14.04
N GLN A 250 -21.02 9.33 12.92
CA GLN A 250 -19.59 9.13 12.68
C GLN A 250 -18.70 10.29 13.04
N PRO A 251 -17.58 10.01 13.73
CA PRO A 251 -16.57 11.05 14.00
C PRO A 251 -15.91 11.49 12.70
N HIS A 252 -15.42 12.71 12.70
CA HIS A 252 -14.62 13.21 11.60
C HIS A 252 -13.20 12.69 11.78
N PHE A 253 -12.74 11.83 10.88
CA PHE A 253 -11.37 11.36 10.96
C PHE A 253 -10.46 12.34 10.25
N GLU A 254 -9.42 12.79 10.95
CA GLU A 254 -8.50 13.78 10.40
C GLU A 254 -7.56 13.13 9.40
N SER A 255 -7.62 11.83 9.26
CA SER A 255 -6.77 11.12 8.33
C SER A 255 -7.12 9.64 8.23
N LEU A 256 -6.67 9.04 7.15
CA LEU A 256 -6.91 7.61 6.87
C LEU A 256 -6.21 6.77 7.92
N SER A 257 -5.08 7.28 8.42
CA SER A 257 -4.28 6.55 9.40
C SER A 257 -4.98 6.53 10.76
N SER A 258 -5.61 7.63 11.13
CA SER A 258 -6.37 7.67 12.38
C SER A 258 -7.62 6.81 12.26
N LEU A 259 -8.16 6.75 11.05
CA LEU A 259 -9.31 5.89 10.75
C LEU A 259 -8.96 4.44 11.04
N LEU A 260 -7.79 4.02 10.56
CA LEU A 260 -7.37 2.64 10.69
C LEU A 260 -6.90 2.34 12.11
N ASP A 261 -6.28 3.32 12.75
CA ASP A 261 -5.95 3.17 14.16
C ASP A 261 -7.24 2.79 14.91
N PHE A 262 -8.33 3.49 14.58
CA PHE A 262 -9.62 3.23 15.19
C PHE A 262 -10.20 1.87 14.78
N TYR A 263 -10.21 1.57 13.49
CA TYR A 263 -10.89 0.38 13.01
C TYR A 263 -10.26 -0.93 13.50
N TYR A 264 -8.93 -0.96 13.57
CA TYR A 264 -8.20 -2.17 13.90
C TYR A 264 -7.87 -2.27 15.38
N GLN A 265 -8.43 -1.34 16.16
CA GLN A 265 -8.13 -1.25 17.58
C GLN A 265 -8.32 -2.57 18.32
N ASP A 266 -9.46 -3.20 18.12
CA ASP A 266 -9.79 -4.44 18.81
C ASP A 266 -9.21 -5.68 18.12
N LYS A 267 -8.29 -5.47 17.18
CA LYS A 267 -7.77 -6.55 16.35
C LYS A 267 -8.84 -7.03 15.37
#